data_4FGJ
#
_entry.id   4FGJ
#
_cell.length_a   56.500
_cell.length_b   83.000
_cell.length_c   106.490
_cell.angle_alpha   90.000
_cell.angle_beta   90.000
_cell.angle_gamma   90.000
#
_symmetry.space_group_name_H-M   'P 21 21 21'
#
loop_
_entity.id
_entity.type
_entity.pdbx_description
1 polymer 'Ribosyldihydronicotinamide dehydrogenase [quinone]'
2 non-polymer 'ZINC ION'
3 non-polymer 'FLAVIN-ADENINE DINUCLEOTIDE'
4 non-polymer (4S)-N~4~-(6-methoxyquinolin-8-yl)pentane-1,4-diamine
5 non-polymer GLYCEROL
6 water water
#
_entity_poly.entity_id   1
_entity_poly.type   'polypeptide(L)'
_entity_poly.pdbx_seq_one_letter_code
;GAMAGKKVLIVYAHQEPKSFNGSLKNVAVDELSRQGCTVTVSDLYAMNFEPRATDKDITGTLSNPEVFNYGVETHEAYKQ
RSLASDITDEQKKVREADLVIFQFPLYWFSVPAILKGWMDRVLCQGFAFDIPGFYDSGLLQGKLALLSVTTGGTAEMYTK
TGVNGDSRYFLWPLQHGTLHFCGFKVLAPQISFAPEIASEEERKGMVAAWSQRLQTIWKEEPIPCTAHWHFGQ
;
_entity_poly.pdbx_strand_id   A,B
#
loop_
_chem_comp.id
_chem_comp.type
_chem_comp.name
_chem_comp.formula
1PQ non-polymer (4S)-N~4~-(6-methoxyquinolin-8-yl)pentane-1,4-diamine 'C15 H21 N3 O'
FAD non-polymer 'FLAVIN-ADENINE DINUCLEOTIDE' 'C27 H33 N9 O15 P2'
GOL non-polymer GLYCEROL 'C3 H8 O3'
ZN non-polymer 'ZINC ION' 'Zn 2'
#
# COMPACT_ATOMS: atom_id res chain seq x y z
N ALA A 4 -23.67 -6.11 -26.09
CA ALA A 4 -22.74 -6.52 -25.04
C ALA A 4 -21.31 -6.71 -25.56
N GLY A 5 -20.68 -7.81 -25.18
CA GLY A 5 -19.30 -8.08 -25.56
C GLY A 5 -18.28 -7.52 -24.59
N LYS A 6 -18.73 -7.19 -23.37
CA LYS A 6 -17.89 -6.52 -22.37
C LYS A 6 -16.95 -7.48 -21.67
N LYS A 7 -15.71 -7.04 -21.45
CA LYS A 7 -14.69 -7.90 -20.87
C LYS A 7 -14.30 -7.38 -19.50
N VAL A 8 -14.23 -8.30 -18.55
CA VAL A 8 -13.93 -7.96 -17.17
C VAL A 8 -12.77 -8.76 -16.66
N LEU A 9 -11.86 -8.07 -15.95
CA LEU A 9 -10.81 -8.73 -15.17
C LEU A 9 -11.08 -8.46 -13.71
N ILE A 10 -11.10 -9.50 -12.88
CA ILE A 10 -11.17 -9.35 -11.43
C ILE A 10 -9.80 -9.71 -10.86
N VAL A 11 -9.18 -8.74 -10.20
CA VAL A 11 -7.92 -8.98 -9.51
C VAL A 11 -8.28 -9.19 -8.04
N TYR A 12 -8.08 -10.42 -7.58
CA TYR A 12 -8.64 -10.91 -6.32
C TYR A 12 -7.52 -11.23 -5.36
N ALA A 13 -7.61 -10.70 -4.15
CA ALA A 13 -6.54 -10.85 -3.17
C ALA A 13 -7.06 -11.34 -1.82
N HIS A 14 -7.38 -12.62 -1.74
CA HIS A 14 -7.70 -13.22 -0.46
C HIS A 14 -7.23 -14.66 -0.44
N GLN A 15 -6.74 -15.10 0.71
CA GLN A 15 -6.14 -16.42 0.86
C GLN A 15 -7.13 -17.58 0.89
N GLU A 16 -8.38 -17.27 1.16
CA GLU A 16 -9.36 -18.28 1.60
C GLU A 16 -10.59 -18.27 0.68
N PRO A 17 -10.79 -19.37 -0.06
CA PRO A 17 -11.92 -19.41 -1.01
C PRO A 17 -13.29 -19.21 -0.36
N LYS A 18 -13.45 -19.63 0.91
CA LYS A 18 -14.73 -19.54 1.61
C LYS A 18 -14.93 -18.19 2.31
N SER A 19 -14.01 -17.25 2.10
CA SER A 19 -14.14 -15.96 2.76
C SER A 19 -15.25 -15.09 2.19
N PHE A 20 -15.59 -14.02 2.89
CA PHE A 20 -16.53 -13.03 2.40
C PHE A 20 -16.00 -12.44 1.09
N ASN A 21 -14.69 -12.13 1.03
CA ASN A 21 -14.07 -11.71 -0.22
C ASN A 21 -14.23 -12.75 -1.32
N GLY A 22 -14.00 -14.02 -1.00
CA GLY A 22 -14.22 -15.08 -1.95
C GLY A 22 -15.63 -15.07 -2.51
N SER A 23 -16.60 -14.87 -1.63
CA SER A 23 -18.01 -14.86 -2.05
C SER A 23 -18.32 -13.67 -2.92
N LEU A 24 -17.77 -12.50 -2.60
CA LEU A 24 -17.96 -11.34 -3.45
C LEU A 24 -17.34 -11.57 -4.82
N LYS A 25 -16.16 -12.18 -4.86
CA LYS A 25 -15.54 -12.52 -6.14
C LYS A 25 -16.41 -13.50 -6.94
N ASN A 26 -16.90 -14.53 -6.27
CA ASN A 26 -17.67 -15.56 -6.96
C ASN A 26 -19.01 -15.02 -7.47
N VAL A 27 -19.65 -14.14 -6.70
CA VAL A 27 -20.89 -13.52 -7.13
C VAL A 27 -20.67 -12.65 -8.35
N ALA A 28 -19.54 -11.95 -8.39
CA ALA A 28 -19.21 -11.17 -9.54
C ALA A 28 -19.00 -12.05 -10.77
N VAL A 29 -18.26 -13.13 -10.62
CA VAL A 29 -18.06 -14.06 -11.73
C VAL A 29 -19.42 -14.57 -12.17
N ASP A 30 -20.25 -15.02 -11.23
CA ASP A 30 -21.56 -15.61 -11.57
C ASP A 30 -22.43 -14.60 -12.34
N GLU A 31 -22.54 -13.39 -11.82
CA GLU A 31 -23.46 -12.41 -12.38
C GLU A 31 -22.96 -11.87 -13.71
N LEU A 32 -21.68 -11.54 -13.81
CA LEU A 32 -21.13 -11.06 -15.05
C LEU A 32 -21.14 -12.19 -16.10
N SER A 33 -20.89 -13.43 -15.68
CA SER A 33 -20.97 -14.58 -16.60
C SER A 33 -22.41 -14.73 -17.11
N ARG A 34 -23.37 -14.63 -16.21
CA ARG A 34 -24.80 -14.73 -16.57
C ARG A 34 -25.18 -13.70 -17.62
N GLN A 35 -24.62 -12.49 -17.51
CA GLN A 35 -24.90 -11.40 -18.43
C GLN A 35 -24.33 -11.66 -19.81
N GLY A 36 -23.39 -12.59 -19.90
CA GLY A 36 -22.73 -12.89 -21.15
C GLY A 36 -21.39 -12.20 -21.29
N CYS A 37 -20.92 -11.54 -20.24
CA CYS A 37 -19.60 -10.92 -20.26
C CYS A 37 -18.49 -11.95 -20.31
N THR A 38 -17.36 -11.53 -20.85
CA THR A 38 -16.13 -12.29 -20.80
C THR A 38 -15.44 -11.97 -19.48
N VAL A 39 -15.12 -13.00 -18.70
CA VAL A 39 -14.62 -12.79 -17.34
C VAL A 39 -13.32 -13.57 -17.12
N THR A 40 -12.35 -12.89 -16.54
CA THR A 40 -11.07 -13.47 -16.14
C THR A 40 -10.79 -13.05 -14.71
N VAL A 41 -10.22 -13.96 -13.93
CA VAL A 41 -9.84 -13.68 -12.53
C VAL A 41 -8.36 -13.96 -12.34
N SER A 42 -7.66 -13.01 -11.75
CA SER A 42 -6.28 -13.19 -11.28
C SER A 42 -6.33 -13.39 -9.78
N ASP A 43 -6.23 -14.64 -9.37
CA ASP A 43 -6.31 -15.02 -7.97
C ASP A 43 -4.88 -14.96 -7.43
N LEU A 44 -4.49 -13.80 -6.92
CA LEU A 44 -3.08 -13.55 -6.66
C LEU A 44 -2.45 -14.51 -5.66
N TYR A 45 -3.12 -14.84 -4.58
CA TYR A 45 -2.49 -15.76 -3.64
C TYR A 45 -2.33 -17.17 -4.25
N ALA A 46 -3.33 -17.62 -4.99
CA ALA A 46 -3.27 -18.96 -5.62
C ALA A 46 -2.16 -19.02 -6.67
N MET A 47 -1.91 -17.88 -7.32
CA MET A 47 -0.84 -17.73 -8.30
C MET A 47 0.52 -17.54 -7.64
N ASN A 48 0.55 -17.43 -6.32
CA ASN A 48 1.76 -17.05 -5.60
C ASN A 48 2.44 -15.83 -6.23
N PHE A 49 1.61 -14.83 -6.56
CA PHE A 49 2.04 -13.69 -7.32
C PHE A 49 3.19 -12.99 -6.60
N GLU A 50 4.25 -12.70 -7.35
CA GLU A 50 5.44 -12.03 -6.81
C GLU A 50 5.16 -10.54 -6.55
N PRO A 51 5.29 -10.09 -5.29
CA PRO A 51 5.01 -8.67 -5.04
C PRO A 51 6.22 -7.76 -5.16
N ARG A 52 7.42 -8.31 -5.10
CA ARG A 52 8.60 -7.48 -5.00
C ARG A 52 9.03 -6.94 -6.36
N ALA A 53 9.35 -5.65 -6.41
CA ALA A 53 9.87 -5.01 -7.60
C ALA A 53 11.39 -5.23 -7.65
N THR A 54 11.85 -6.16 -8.50
CA THR A 54 13.28 -6.47 -8.52
C THR A 54 13.80 -6.59 -9.94
N ASP A 55 15.12 -6.71 -10.07
CA ASP A 55 15.74 -6.79 -11.38
C ASP A 55 15.41 -8.09 -12.10
N LYS A 56 14.74 -9.02 -11.43
CA LYS A 56 14.27 -10.24 -12.10
C LYS A 56 13.05 -9.96 -12.97
N ASP A 57 12.50 -8.76 -12.86
CA ASP A 57 11.33 -8.40 -13.68
C ASP A 57 11.71 -8.03 -15.11
N ILE A 58 13.01 -7.92 -15.38
CA ILE A 58 13.51 -7.65 -16.71
C ILE A 58 14.32 -8.86 -17.16
N THR A 59 14.01 -9.37 -18.35
CA THR A 59 14.77 -10.49 -18.91
C THR A 59 15.83 -9.95 -19.85
N GLY A 60 16.91 -10.70 -20.03
CA GLY A 60 17.99 -10.26 -20.91
C GLY A 60 18.82 -9.14 -20.31
N THR A 61 19.46 -8.36 -21.18
CA THR A 61 20.41 -7.33 -20.75
C THR A 61 19.73 -6.09 -20.18
N LEU A 62 20.16 -5.64 -19.00
CA LEU A 62 19.62 -4.42 -18.42
C LEU A 62 20.11 -3.18 -19.15
N SER A 63 19.30 -2.12 -19.07
CA SER A 63 19.65 -0.84 -19.67
C SER A 63 20.91 -0.30 -19.03
N ASN A 64 21.02 -0.48 -17.71
CA ASN A 64 22.20 -0.06 -16.96
C ASN A 64 22.52 -1.09 -15.89
N PRO A 65 23.37 -2.06 -16.22
CA PRO A 65 23.69 -3.15 -15.28
C PRO A 65 24.51 -2.75 -14.06
N GLU A 66 24.95 -1.50 -13.97
CA GLU A 66 25.79 -1.07 -12.85
C GLU A 66 24.99 -0.35 -11.76
N VAL A 67 23.91 0.30 -12.17
CA VAL A 67 23.06 1.04 -11.24
C VAL A 67 21.62 0.76 -11.63
N PHE A 68 20.85 0.18 -10.70
CA PHE A 68 19.50 -0.32 -11.03
C PHE A 68 18.40 0.65 -10.65
N ASN A 69 17.68 1.12 -11.67
CA ASN A 69 16.55 2.02 -11.52
C ASN A 69 15.30 1.30 -12.01
N TYR A 70 14.47 0.87 -11.09
CA TYR A 70 13.32 0.05 -11.45
C TYR A 70 12.42 0.71 -12.50
N GLY A 71 12.11 1.98 -12.31
CA GLY A 71 11.20 2.68 -13.21
C GLY A 71 11.76 2.75 -14.62
N VAL A 72 13.02 3.13 -14.75
CA VAL A 72 13.62 3.25 -16.07
C VAL A 72 13.74 1.88 -16.72
N GLU A 73 14.21 0.89 -15.97
CA GLU A 73 14.40 -0.44 -16.53
C GLU A 73 13.09 -1.06 -17.00
N THR A 74 12.01 -0.88 -16.23
CA THR A 74 10.75 -1.47 -16.64
C THR A 74 10.11 -0.72 -17.81
N HIS A 75 10.29 0.60 -17.86
CA HIS A 75 9.81 1.37 -18.99
C HIS A 75 10.50 0.87 -20.27
N GLU A 76 11.83 0.76 -20.22
CA GLU A 76 12.58 0.28 -21.37
C GLU A 76 12.26 -1.17 -21.71
N ALA A 77 12.07 -2.01 -20.70
CA ALA A 77 11.73 -3.43 -20.90
C ALA A 77 10.36 -3.58 -21.57
N TYR A 78 9.41 -2.75 -21.15
CA TYR A 78 8.11 -2.75 -21.79
C TYR A 78 8.25 -2.41 -23.27
N LYS A 79 9.00 -1.35 -23.57
CA LYS A 79 9.22 -0.92 -24.94
C LYS A 79 9.92 -1.99 -25.77
N GLN A 80 10.77 -2.77 -25.11
CA GLN A 80 11.60 -3.77 -25.79
C GLN A 80 11.11 -5.20 -25.61
N ARG A 81 9.89 -5.35 -25.11
CA ARG A 81 9.27 -6.67 -24.95
C ARG A 81 10.17 -7.60 -24.15
N SER A 82 10.73 -7.08 -23.07
CA SER A 82 11.63 -7.86 -22.24
C SER A 82 11.24 -7.87 -20.75
N LEU A 83 9.95 -7.75 -20.45
CA LEU A 83 9.46 -7.91 -19.07
C LEU A 83 9.24 -9.39 -18.78
N ALA A 84 9.34 -9.75 -17.51
CA ALA A 84 9.05 -11.11 -17.04
C ALA A 84 7.61 -11.50 -17.43
N SER A 85 7.39 -12.78 -17.71
CA SER A 85 6.12 -13.25 -18.23
C SER A 85 4.97 -13.10 -17.23
N ASP A 86 5.26 -13.14 -15.93
CA ASP A 86 4.15 -12.97 -14.99
C ASP A 86 3.55 -11.58 -15.13
N ILE A 87 4.40 -10.58 -15.35
CA ILE A 87 3.96 -9.22 -15.57
C ILE A 87 3.19 -9.10 -16.91
N THR A 88 3.77 -9.61 -17.98
CA THR A 88 3.12 -9.43 -19.27
C THR A 88 1.82 -10.21 -19.36
N ASP A 89 1.73 -11.35 -18.66
CA ASP A 89 0.48 -12.08 -18.58
C ASP A 89 -0.63 -11.19 -17.98
N GLU A 90 -0.30 -10.47 -16.91
CA GLU A 90 -1.28 -9.56 -16.31
C GLU A 90 -1.59 -8.38 -17.24
N GLN A 91 -0.57 -7.83 -17.88
CA GLN A 91 -0.79 -6.70 -18.79
C GLN A 91 -1.75 -7.07 -19.93
N LYS A 92 -1.66 -8.31 -20.42
CA LYS A 92 -2.57 -8.75 -21.49
C LYS A 92 -4.00 -8.78 -20.96
N LYS A 93 -4.19 -9.28 -19.74
CA LYS A 93 -5.52 -9.30 -19.13
C LYS A 93 -6.09 -7.90 -18.99
N VAL A 94 -5.28 -6.93 -18.55
CA VAL A 94 -5.72 -5.56 -18.40
C VAL A 94 -6.01 -4.93 -19.76
N ARG A 95 -5.13 -5.17 -20.72
CA ARG A 95 -5.27 -4.61 -22.05
C ARG A 95 -6.61 -5.04 -22.68
N GLU A 96 -7.00 -6.28 -22.45
CA GLU A 96 -8.23 -6.81 -23.04
C GLU A 96 -9.48 -6.38 -22.25
N ALA A 97 -9.31 -6.02 -20.98
CA ALA A 97 -10.46 -5.73 -20.14
C ALA A 97 -11.07 -4.35 -20.42
N ASP A 98 -12.41 -4.29 -20.33
CA ASP A 98 -13.13 -3.03 -20.32
C ASP A 98 -13.34 -2.53 -18.90
N LEU A 99 -13.34 -3.46 -17.96
CA LEU A 99 -13.54 -3.14 -16.56
C LEU A 99 -12.60 -3.98 -15.74
N VAL A 100 -11.89 -3.36 -14.79
CA VAL A 100 -11.05 -4.09 -13.85
C VAL A 100 -11.62 -3.88 -12.47
N ILE A 101 -12.03 -4.98 -11.85
CA ILE A 101 -12.54 -4.97 -10.49
C ILE A 101 -11.44 -5.49 -9.58
N PHE A 102 -11.15 -4.75 -8.50
CA PHE A 102 -10.20 -5.20 -7.47
C PHE A 102 -11.00 -5.64 -6.28
N GLN A 103 -10.83 -6.89 -5.86
CA GLN A 103 -11.56 -7.45 -4.74
C GLN A 103 -10.58 -7.79 -3.63
N PHE A 104 -10.67 -7.08 -2.51
CA PHE A 104 -9.69 -7.25 -1.43
C PHE A 104 -10.20 -6.81 -0.09
N PRO A 105 -9.67 -7.42 0.98
CA PRO A 105 -9.81 -6.85 2.32
C PRO A 105 -8.85 -5.69 2.53
N LEU A 106 -9.35 -4.67 3.22
CA LEU A 106 -8.50 -3.53 3.58
C LEU A 106 -7.42 -3.99 4.54
N TYR A 107 -6.17 -3.74 4.17
CA TYR A 107 -5.02 -4.01 5.03
C TYR A 107 -4.31 -2.66 5.24
N TRP A 108 -4.29 -2.17 6.48
CA TRP A 108 -3.61 -0.92 6.80
C TRP A 108 -4.02 0.22 5.87
N PHE A 109 -5.35 0.38 5.73
CA PHE A 109 -5.95 1.50 5.00
C PHE A 109 -5.53 1.44 3.54
N SER A 110 -5.23 0.24 3.03
CA SER A 110 -4.73 0.08 1.68
C SER A 110 -5.00 -1.34 1.21
N VAL A 111 -4.34 -1.74 0.13
CA VAL A 111 -4.47 -3.09 -0.41
C VAL A 111 -3.47 -4.01 0.29
N PRO A 112 -3.80 -5.29 0.43
CA PRO A 112 -2.78 -6.27 0.85
C PRO A 112 -1.52 -6.18 -0.01
N ALA A 113 -0.36 -6.41 0.60
CA ALA A 113 0.89 -6.29 -0.13
C ALA A 113 0.95 -7.08 -1.44
N ILE A 114 0.32 -8.24 -1.52
CA ILE A 114 0.39 -9.00 -2.76
C ILE A 114 -0.26 -8.22 -3.90
N LEU A 115 -1.35 -7.52 -3.58
CA LEU A 115 -2.04 -6.69 -4.56
C LEU A 115 -1.29 -5.38 -4.81
N LYS A 116 -0.68 -4.81 -3.77
CA LYS A 116 0.19 -3.66 -3.99
C LYS A 116 1.28 -4.02 -4.99
N GLY A 117 1.82 -5.22 -4.88
CA GLY A 117 2.86 -5.65 -5.79
C GLY A 117 2.37 -5.80 -7.23
N TRP A 118 1.14 -6.28 -7.40
CA TRP A 118 0.53 -6.30 -8.72
C TRP A 118 0.49 -4.89 -9.29
N MET A 119 0.04 -3.92 -8.52
N MET A 119 0.04 -3.93 -8.49
CA MET A 119 0.02 -2.55 -9.00
CA MET A 119 0.00 -2.53 -8.92
C MET A 119 1.41 -2.04 -9.34
C MET A 119 1.39 -2.06 -9.33
N ASP A 120 2.36 -2.27 -8.44
CA ASP A 120 3.71 -1.79 -8.66
C ASP A 120 4.35 -2.36 -9.91
N ARG A 121 4.17 -3.66 -10.13
CA ARG A 121 4.88 -4.39 -11.18
C ARG A 121 4.13 -4.42 -12.52
N VAL A 122 2.81 -4.46 -12.48
CA VAL A 122 2.04 -4.55 -13.72
C VAL A 122 1.84 -3.19 -14.39
N LEU A 123 1.64 -2.15 -13.59
CA LEU A 123 1.29 -0.85 -14.15
C LEU A 123 2.54 0.00 -14.44
N CYS A 124 3.38 -0.48 -15.35
CA CYS A 124 4.63 0.21 -15.63
C CYS A 124 4.48 1.36 -16.66
N GLN A 125 5.45 2.27 -16.68
CA GLN A 125 5.42 3.33 -17.67
C GLN A 125 5.49 2.73 -19.08
N GLY A 126 4.72 3.30 -20.00
CA GLY A 126 4.62 2.78 -21.35
C GLY A 126 3.40 1.90 -21.52
N PHE A 127 2.99 1.23 -20.45
CA PHE A 127 1.80 0.40 -20.45
C PHE A 127 0.61 1.15 -19.87
N ALA A 128 0.77 1.63 -18.63
CA ALA A 128 -0.33 2.21 -17.89
C ALA A 128 -0.35 3.73 -17.93
N PHE A 129 0.81 4.33 -18.11
CA PHE A 129 0.89 5.79 -18.14
C PHE A 129 2.16 6.15 -18.86
N ASP A 130 2.28 7.39 -19.31
CA ASP A 130 3.54 7.84 -19.88
C ASP A 130 3.67 9.35 -19.81
N ILE A 131 4.78 9.87 -20.33
CA ILE A 131 4.92 11.30 -20.57
C ILE A 131 4.88 11.47 -22.08
N PRO A 132 3.73 11.90 -22.60
CA PRO A 132 2.52 12.28 -21.87
C PRO A 132 1.61 11.08 -21.70
N GLY A 133 0.50 11.28 -21.01
CA GLY A 133 -0.50 10.24 -20.87
C GLY A 133 -0.66 9.85 -19.42
N PHE A 134 -1.32 10.70 -18.64
CA PHE A 134 -1.62 10.35 -17.25
C PHE A 134 -2.83 11.16 -16.77
N TYR A 135 -3.35 10.78 -15.61
CA TYR A 135 -4.66 11.25 -15.18
C TYR A 135 -5.65 11.10 -16.35
N ASP A 136 -6.34 12.15 -16.80
CA ASP A 136 -7.39 11.93 -17.81
C ASP A 136 -6.87 11.29 -19.10
N SER A 137 -5.60 11.53 -19.42
CA SER A 137 -5.04 10.99 -20.66
C SER A 137 -4.18 9.75 -20.37
N GLY A 138 -4.32 9.17 -19.18
CA GLY A 138 -3.62 7.93 -18.85
C GLY A 138 -3.86 6.88 -19.94
N LEU A 139 -2.90 5.98 -20.11
CA LEU A 139 -2.93 5.04 -21.24
C LEU A 139 -4.03 3.98 -21.15
N LEU A 140 -4.60 3.80 -19.98
CA LEU A 140 -5.72 2.90 -19.83
C LEU A 140 -7.05 3.64 -19.91
N GLN A 141 -7.00 4.85 -20.47
CA GLN A 141 -8.21 5.63 -20.75
C GLN A 141 -9.17 4.78 -21.57
N GLY A 142 -10.45 4.95 -21.28
CA GLY A 142 -11.50 4.17 -21.93
C GLY A 142 -11.92 2.99 -21.08
N LYS A 143 -11.08 2.64 -20.11
CA LYS A 143 -11.40 1.52 -19.25
C LYS A 143 -12.02 2.00 -17.94
N LEU A 144 -12.76 1.10 -17.29
CA LEU A 144 -13.37 1.34 -16.00
C LEU A 144 -12.61 0.55 -14.92
N ALA A 145 -12.50 1.09 -13.73
CA ALA A 145 -11.93 0.35 -12.61
C ALA A 145 -12.82 0.55 -11.42
N LEU A 146 -12.83 -0.42 -10.53
CA LEU A 146 -13.73 -0.41 -9.39
C LEU A 146 -13.06 -1.14 -8.23
N LEU A 147 -13.00 -0.48 -7.08
CA LEU A 147 -12.47 -1.08 -5.85
C LEU A 147 -13.60 -1.67 -5.05
N SER A 148 -13.57 -2.97 -4.84
CA SER A 148 -14.51 -3.66 -3.98
C SER A 148 -13.74 -4.12 -2.75
N VAL A 149 -13.97 -3.39 -1.67
CA VAL A 149 -13.15 -3.51 -0.49
C VAL A 149 -14.01 -3.93 0.68
N THR A 150 -13.48 -4.79 1.55
CA THR A 150 -14.13 -5.18 2.80
C THR A 150 -13.30 -4.62 3.95
N THR A 151 -13.94 -4.31 5.08
CA THR A 151 -13.22 -3.72 6.21
C THR A 151 -13.46 -4.47 7.50
N GLY A 152 -12.56 -4.28 8.45
CA GLY A 152 -12.81 -4.70 9.82
C GLY A 152 -13.66 -3.69 10.55
N GLY A 153 -13.37 -2.40 10.33
CA GLY A 153 -14.09 -1.31 10.97
C GLY A 153 -15.48 -1.07 10.41
N THR A 154 -16.31 -0.44 11.22
CA THR A 154 -17.70 -0.18 10.85
C THR A 154 -17.83 1.07 10.00
N ALA A 155 -18.99 1.25 9.39
CA ALA A 155 -19.23 2.45 8.59
C ALA A 155 -19.06 3.71 9.45
N GLU A 156 -19.55 3.65 10.68
N GLU A 156 -19.54 3.69 10.69
CA GLU A 156 -19.50 4.78 11.59
CA GLU A 156 -19.45 4.89 11.54
C GLU A 156 -18.05 5.23 11.92
C GLU A 156 -18.00 5.28 11.84
N MET A 157 -17.12 4.29 11.93
CA MET A 157 -15.72 4.57 12.24
C MET A 157 -15.08 5.27 11.06
N TYR A 158 -15.59 4.95 9.87
CA TYR A 158 -15.12 5.56 8.65
C TYR A 158 -15.93 6.78 8.26
N THR A 159 -16.11 7.69 9.22
CA THR A 159 -16.71 8.99 8.96
C THR A 159 -15.69 10.09 9.20
N LYS A 160 -15.96 11.30 8.72
CA LYS A 160 -14.98 12.38 8.78
C LYS A 160 -14.50 12.63 10.21
N THR A 161 -15.42 12.54 11.15
CA THR A 161 -15.10 12.81 12.54
C THR A 161 -14.96 11.50 13.34
N GLY A 162 -15.08 10.37 12.65
CA GLY A 162 -14.87 9.06 13.25
C GLY A 162 -13.40 8.76 13.42
N VAL A 163 -13.07 7.71 14.15
CA VAL A 163 -11.66 7.46 14.49
C VAL A 163 -10.79 7.20 13.27
N ASN A 164 -11.38 6.57 12.26
CA ASN A 164 -10.64 6.22 11.07
C ASN A 164 -10.69 7.29 9.98
N GLY A 165 -11.51 8.31 10.16
CA GLY A 165 -11.74 9.28 9.10
C GLY A 165 -12.65 8.70 8.02
N ASP A 166 -13.04 9.54 7.08
CA ASP A 166 -13.90 9.12 5.96
C ASP A 166 -13.23 8.02 5.15
N SER A 167 -13.99 7.02 4.71
N SER A 167 -13.98 7.00 4.70
CA SER A 167 -13.46 5.99 3.84
CA SER A 167 -13.41 5.97 3.86
C SER A 167 -12.79 6.62 2.64
C SER A 167 -12.80 6.60 2.62
N ARG A 168 -13.36 7.73 2.16
CA ARG A 168 -12.82 8.38 0.99
C ARG A 168 -11.35 8.79 1.18
N TYR A 169 -10.96 9.10 2.42
CA TYR A 169 -9.59 9.49 2.70
C TYR A 169 -8.60 8.40 2.33
N PHE A 170 -8.92 7.14 2.62
CA PHE A 170 -7.97 6.07 2.29
C PHE A 170 -8.07 5.67 0.83
N LEU A 171 -9.15 6.05 0.17
CA LEU A 171 -9.32 5.71 -1.24
C LEU A 171 -8.38 6.51 -2.14
N TRP A 172 -7.94 7.68 -1.67
CA TRP A 172 -7.18 8.60 -2.50
C TRP A 172 -5.97 7.98 -3.21
N PRO A 173 -5.06 7.32 -2.47
CA PRO A 173 -3.89 6.76 -3.16
C PRO A 173 -4.25 5.71 -4.20
N LEU A 174 -5.33 4.98 -3.96
CA LEU A 174 -5.75 3.90 -4.85
C LEU A 174 -6.54 4.43 -6.06
N GLN A 175 -7.61 5.16 -5.79
CA GLN A 175 -8.47 5.66 -6.85
C GLN A 175 -7.80 6.75 -7.65
N HIS A 176 -7.19 7.72 -6.95
CA HIS A 176 -6.64 8.87 -7.65
C HIS A 176 -5.19 8.64 -8.03
N GLY A 177 -4.35 8.32 -7.03
CA GLY A 177 -2.93 8.18 -7.26
C GLY A 177 -2.54 7.03 -8.17
N THR A 178 -3.41 6.01 -8.24
CA THR A 178 -3.13 4.83 -9.05
C THR A 178 -4.10 4.71 -10.24
N LEU A 179 -5.37 4.48 -9.97
CA LEU A 179 -6.32 4.20 -11.06
C LEU A 179 -6.55 5.41 -11.99
N HIS A 180 -6.90 6.56 -11.43
CA HIS A 180 -7.09 7.76 -12.24
C HIS A 180 -5.78 8.10 -12.94
N PHE A 181 -4.66 7.97 -12.23
CA PHE A 181 -3.38 8.32 -12.83
C PHE A 181 -3.18 7.56 -14.14
N CYS A 182 -3.58 6.29 -14.15
CA CYS A 182 -3.41 5.43 -15.32
C CYS A 182 -4.52 5.64 -16.34
N GLY A 183 -5.42 6.58 -16.10
CA GLY A 183 -6.44 6.87 -17.08
C GLY A 183 -7.78 6.17 -16.90
N PHE A 184 -7.90 5.28 -15.93
CA PHE A 184 -9.18 4.67 -15.66
C PHE A 184 -10.21 5.74 -15.29
N LYS A 185 -11.43 5.53 -15.73
CA LYS A 185 -12.61 6.09 -15.09
C LYS A 185 -12.90 5.21 -13.89
N VAL A 186 -13.13 5.84 -12.76
CA VAL A 186 -13.29 5.11 -11.53
C VAL A 186 -14.75 5.04 -11.18
N LEU A 187 -15.28 3.84 -11.16
CA LEU A 187 -16.62 3.64 -10.69
C LEU A 187 -16.63 3.76 -9.19
N ALA A 188 -17.78 4.07 -8.63
CA ALA A 188 -17.89 4.25 -7.20
C ALA A 188 -17.39 2.99 -6.49
N PRO A 189 -16.67 3.16 -5.40
CA PRO A 189 -16.21 1.96 -4.71
C PRO A 189 -17.36 1.17 -4.13
N GLN A 190 -17.16 -0.15 -4.04
CA GLN A 190 -18.04 -0.99 -3.28
C GLN A 190 -17.39 -1.25 -1.97
N ILE A 191 -17.97 -0.73 -0.90
CA ILE A 191 -17.38 -0.93 0.42
C ILE A 191 -18.33 -1.75 1.26
N SER A 192 -17.91 -2.96 1.59
CA SER A 192 -18.66 -3.86 2.42
C SER A 192 -18.08 -3.80 3.83
N PHE A 193 -18.74 -3.00 4.66
CA PHE A 193 -18.20 -2.72 5.98
C PHE A 193 -18.39 -3.89 6.95
N ALA A 194 -17.29 -4.27 7.59
CA ALA A 194 -17.34 -5.09 8.81
C ALA A 194 -18.18 -6.34 8.69
N PRO A 195 -17.89 -7.19 7.70
CA PRO A 195 -18.64 -8.45 7.60
C PRO A 195 -18.42 -9.41 8.77
N GLU A 196 -17.25 -9.39 9.41
CA GLU A 196 -16.93 -10.38 10.44
C GLU A 196 -17.87 -10.29 11.64
N ILE A 197 -18.39 -9.09 11.89
CA ILE A 197 -19.26 -8.86 13.02
C ILE A 197 -20.72 -8.58 12.58
N ALA A 198 -20.94 -8.47 11.28
CA ALA A 198 -22.30 -8.33 10.75
C ALA A 198 -23.04 -9.63 10.98
N SER A 199 -24.37 -9.56 11.08
CA SER A 199 -25.17 -10.77 11.14
C SER A 199 -25.19 -11.45 9.79
N GLU A 200 -25.58 -12.73 9.80
CA GLU A 200 -25.78 -13.48 8.56
C GLU A 200 -26.64 -12.71 7.56
N GLU A 201 -27.78 -12.22 8.05
CA GLU A 201 -28.72 -11.48 7.23
C GLU A 201 -28.06 -10.27 6.60
N GLU A 202 -27.31 -9.52 7.40
CA GLU A 202 -26.65 -8.32 6.93
C GLU A 202 -25.61 -8.67 5.88
N ARG A 203 -24.89 -9.77 6.10
CA ARG A 203 -23.85 -10.21 5.18
C ARG A 203 -24.49 -10.59 3.87
N LYS A 204 -25.57 -11.37 3.96
CA LYS A 204 -26.32 -11.73 2.77
C LYS A 204 -26.76 -10.47 2.04
N GLY A 205 -27.21 -9.48 2.79
CA GLY A 205 -27.62 -8.20 2.20
C GLY A 205 -26.50 -7.55 1.42
N MET A 206 -25.31 -7.51 2.01
CA MET A 206 -24.16 -6.89 1.35
C MET A 206 -23.72 -7.62 0.08
N VAL A 207 -23.70 -8.95 0.13
CA VAL A 207 -23.43 -9.73 -1.07
C VAL A 207 -24.49 -9.46 -2.14
N ALA A 208 -25.76 -9.37 -1.75
CA ALA A 208 -26.84 -9.18 -2.71
C ALA A 208 -26.76 -7.77 -3.30
N ALA A 209 -26.35 -6.81 -2.47
CA ALA A 209 -26.23 -5.44 -2.95
C ALA A 209 -25.22 -5.39 -4.08
N TRP A 210 -24.12 -6.10 -3.87
CA TRP A 210 -23.07 -6.21 -4.87
C TRP A 210 -23.55 -6.93 -6.13
N SER A 211 -24.18 -8.09 -5.97
CA SER A 211 -24.73 -8.80 -7.12
C SER A 211 -25.74 -7.93 -7.89
N GLN A 212 -26.64 -7.29 -7.15
CA GLN A 212 -27.63 -6.40 -7.75
C GLN A 212 -26.96 -5.19 -8.40
N ARG A 213 -25.95 -4.61 -7.74
CA ARG A 213 -25.26 -3.51 -8.37
C ARG A 213 -24.69 -3.98 -9.70
N LEU A 214 -24.11 -5.18 -9.71
CA LEU A 214 -23.46 -5.66 -10.91
C LEU A 214 -24.41 -5.80 -12.10
N GLN A 215 -25.69 -6.04 -11.81
CA GLN A 215 -26.71 -6.13 -12.87
C GLN A 215 -26.70 -4.90 -13.77
N THR A 216 -26.44 -3.72 -13.19
CA THR A 216 -26.48 -2.47 -13.95
C THR A 216 -25.14 -1.73 -14.00
N ILE A 217 -24.05 -2.45 -13.77
CA ILE A 217 -22.73 -1.81 -13.69
C ILE A 217 -22.38 -1.04 -14.98
N TRP A 218 -22.82 -1.55 -16.12
CA TRP A 218 -22.49 -0.93 -17.41
C TRP A 218 -23.25 0.39 -17.67
N LYS A 219 -24.21 0.73 -16.82
CA LYS A 219 -24.98 1.97 -16.95
C LYS A 219 -24.47 3.04 -16.01
N GLU A 220 -23.46 2.73 -15.22
CA GLU A 220 -22.99 3.64 -14.20
C GLU A 220 -22.18 4.77 -14.76
N GLU A 221 -22.33 5.90 -14.08
CA GLU A 221 -21.44 7.03 -14.27
C GLU A 221 -20.27 6.87 -13.32
N PRO A 222 -19.07 7.13 -13.83
CA PRO A 222 -17.89 7.17 -12.95
C PRO A 222 -17.95 8.34 -11.99
N ILE A 223 -17.28 8.23 -10.84
CA ILE A 223 -17.18 9.35 -9.92
C ILE A 223 -16.26 10.42 -10.50
N PRO A 224 -16.42 11.66 -10.03
CA PRO A 224 -15.42 12.67 -10.35
C PRO A 224 -14.22 12.43 -9.42
N CYS A 225 -13.14 11.89 -9.96
CA CYS A 225 -12.01 11.46 -9.14
C CYS A 225 -11.11 12.65 -8.83
N THR A 226 -11.60 13.48 -7.92
CA THR A 226 -10.96 14.74 -7.59
C THR A 226 -10.68 14.82 -6.09
N ALA A 227 -9.83 15.77 -5.71
CA ALA A 227 -9.56 16.02 -4.30
C ALA A 227 -10.86 16.40 -3.59
N HIS A 228 -11.70 17.17 -4.28
CA HIS A 228 -12.95 17.59 -3.66
C HIS A 228 -13.85 16.39 -3.34
N TRP A 229 -13.91 15.42 -4.24
CA TRP A 229 -14.73 14.24 -4.01
C TRP A 229 -14.21 13.50 -2.79
N HIS A 230 -12.89 13.39 -2.68
CA HIS A 230 -12.28 12.59 -1.61
C HIS A 230 -12.27 13.33 -0.27
N PHE A 231 -12.10 14.65 -0.31
CA PHE A 231 -11.80 15.41 0.92
C PHE A 231 -12.79 16.52 1.25
N GLY A 232 -13.63 16.91 0.29
CA GLY A 232 -14.53 18.03 0.49
C GLY A 232 -15.80 17.66 1.24
N GLN A 233 -16.65 18.67 1.47
CA GLN A 233 -17.89 18.48 2.22
C GLN A 233 -18.98 17.83 1.35
N ALA B 4 20.69 10.09 25.32
CA ALA B 4 20.76 9.23 26.49
C ALA B 4 20.39 7.78 26.15
N GLY B 5 21.20 7.16 25.30
CA GLY B 5 21.03 5.75 24.93
C GLY B 5 19.79 5.45 24.12
N LYS B 6 19.67 6.05 22.94
CA LYS B 6 18.50 5.86 22.08
C LYS B 6 18.76 4.78 21.03
N LYS B 7 17.74 3.99 20.74
CA LYS B 7 17.82 2.93 19.75
C LYS B 7 16.95 3.26 18.53
N VAL B 8 17.51 3.07 17.36
CA VAL B 8 16.83 3.41 16.11
C VAL B 8 16.82 2.19 15.20
N LEU B 9 15.65 1.93 14.61
CA LEU B 9 15.49 0.94 13.54
C LEU B 9 15.16 1.70 12.27
N ILE B 10 15.91 1.42 11.22
CA ILE B 10 15.58 1.95 9.90
C ILE B 10 15.08 0.80 9.05
N VAL B 11 13.83 0.87 8.60
CA VAL B 11 13.28 -0.11 7.68
C VAL B 11 13.42 0.50 6.29
N TYR B 12 14.26 -0.11 5.47
CA TYR B 12 14.75 0.48 4.24
C TYR B 12 14.27 -0.35 3.05
N ALA B 13 13.69 0.31 2.05
CA ALA B 13 13.10 -0.38 0.92
C ALA B 13 13.56 0.21 -0.43
N HIS B 14 14.80 -0.10 -0.80
CA HIS B 14 15.28 0.24 -2.15
C HIS B 14 16.23 -0.86 -2.62
N GLN B 15 16.17 -1.15 -3.91
CA GLN B 15 16.94 -2.24 -4.52
C GLN B 15 18.41 -1.93 -4.74
N GLU B 16 18.76 -0.66 -4.77
CA GLU B 16 20.05 -0.20 -5.32
C GLU B 16 20.84 0.59 -4.27
N PRO B 17 21.96 0.04 -3.81
CA PRO B 17 22.74 0.71 -2.76
C PRO B 17 23.22 2.12 -3.15
N LYS B 18 23.44 2.37 -4.45
CA LYS B 18 23.91 3.67 -4.92
C LYS B 18 22.78 4.67 -5.18
N SER B 19 21.56 4.29 -4.84
CA SER B 19 20.41 5.16 -5.07
C SER B 19 20.37 6.34 -4.11
N PHE B 20 19.54 7.31 -4.45
CA PHE B 20 19.27 8.43 -3.57
C PHE B 20 18.71 7.92 -2.25
N ASN B 21 17.81 6.93 -2.27
CA ASN B 21 17.32 6.35 -1.03
C ASN B 21 18.46 5.73 -0.24
N GLY B 22 19.32 5.00 -0.93
CA GLY B 22 20.49 4.42 -0.28
C GLY B 22 21.33 5.47 0.41
N SER B 23 21.55 6.60 -0.23
CA SER B 23 22.29 7.70 0.37
C SER B 23 21.59 8.26 1.61
N LEU B 24 20.26 8.41 1.54
CA LEU B 24 19.53 8.92 2.69
C LEU B 24 19.61 7.93 3.84
N LYS B 25 19.53 6.64 3.56
CA LYS B 25 19.67 5.62 4.59
C LYS B 25 21.07 5.67 5.20
N ASN B 26 22.08 5.76 4.36
CA ASN B 26 23.45 5.79 4.84
C ASN B 26 23.77 7.01 5.66
N VAL B 27 23.26 8.18 5.28
CA VAL B 27 23.56 9.35 6.06
C VAL B 27 22.85 9.28 7.41
N ALA B 28 21.68 8.63 7.47
CA ALA B 28 21.02 8.42 8.74
C ALA B 28 21.83 7.51 9.63
N VAL B 29 22.33 6.40 9.07
CA VAL B 29 23.19 5.52 9.85
C VAL B 29 24.43 6.32 10.33
N ASP B 30 25.06 7.08 9.44
CA ASP B 30 26.29 7.80 9.81
C ASP B 30 26.03 8.79 10.95
N GLU B 31 24.98 9.58 10.82
CA GLU B 31 24.73 10.66 11.77
C GLU B 31 24.22 10.11 13.10
N LEU B 32 23.29 9.17 13.07
CA LEU B 32 22.82 8.58 14.31
C LEU B 32 23.93 7.80 15.00
N SER B 33 24.78 7.11 14.22
CA SER B 33 25.95 6.43 14.78
C SER B 33 26.88 7.44 15.44
N ARG B 34 27.14 8.56 14.76
CA ARG B 34 28.02 9.61 15.30
C ARG B 34 27.50 10.11 16.63
N GLN B 35 26.18 10.24 16.76
CA GLN B 35 25.57 10.69 18.02
C GLN B 35 25.71 9.70 19.15
N GLY B 36 26.08 8.46 18.85
CA GLY B 36 26.17 7.43 19.87
C GLY B 36 24.91 6.58 19.97
N CYS B 37 23.96 6.78 19.07
CA CYS B 37 22.74 5.95 19.05
C CYS B 37 23.05 4.52 18.66
N THR B 38 22.19 3.61 19.09
CA THR B 38 22.23 2.23 18.65
C THR B 38 21.37 2.15 17.38
N VAL B 39 21.93 1.60 16.30
CA VAL B 39 21.25 1.65 15.01
C VAL B 39 21.20 0.26 14.37
N THR B 40 20.01 -0.09 13.89
CA THR B 40 19.77 -1.34 13.18
C THR B 40 19.05 -0.99 11.89
N VAL B 41 19.36 -1.69 10.81
CA VAL B 41 18.68 -1.48 9.52
C VAL B 41 18.14 -2.82 9.03
N SER B 42 16.86 -2.79 8.65
CA SER B 42 16.24 -3.91 7.94
C SER B 42 16.20 -3.53 6.46
N ASP B 43 17.13 -4.08 5.69
CA ASP B 43 17.26 -3.82 4.26
C ASP B 43 16.39 -4.85 3.56
N LEU B 44 15.13 -4.51 3.35
CA LEU B 44 14.15 -5.51 2.96
C LEU B 44 14.49 -6.22 1.66
N TYR B 45 14.94 -5.51 0.63
CA TYR B 45 15.21 -6.22 -0.63
C TYR B 45 16.40 -7.16 -0.45
N ALA B 46 17.43 -6.74 0.29
CA ALA B 46 18.63 -7.58 0.47
C ALA B 46 18.28 -8.80 1.31
N MET B 47 17.31 -8.63 2.19
CA MET B 47 16.79 -9.73 3.02
C MET B 47 15.84 -10.65 2.24
N ASN B 48 15.46 -10.26 1.02
CA ASN B 48 14.40 -10.96 0.30
C ASN B 48 13.15 -11.11 1.15
N PHE B 49 12.82 -10.04 1.87
CA PHE B 49 11.72 -10.07 2.83
C PHE B 49 10.43 -10.51 2.18
N GLU B 50 9.76 -11.47 2.80
CA GLU B 50 8.50 -12.01 2.28
C GLU B 50 7.35 -11.03 2.49
N PRO B 51 6.70 -10.56 1.41
CA PRO B 51 5.61 -9.59 1.61
C PRO B 51 4.22 -10.19 1.76
N ARG B 52 4.05 -11.45 1.34
CA ARG B 52 2.72 -12.01 1.26
C ARG B 52 2.23 -12.50 2.62
N ALA B 53 0.99 -12.16 2.96
CA ALA B 53 0.34 -12.64 4.17
C ALA B 53 -0.25 -14.01 3.86
N THR B 54 0.40 -15.08 4.31
CA THR B 54 -0.07 -16.43 3.99
C THR B 54 -0.08 -17.34 5.21
N ASP B 55 -0.65 -18.53 5.05
CA ASP B 55 -0.70 -19.48 6.13
C ASP B 55 0.69 -20.02 6.49
N LYS B 56 1.70 -19.73 5.69
CA LYS B 56 3.07 -20.08 6.08
C LYS B 56 3.58 -19.21 7.23
N ASP B 57 2.83 -18.17 7.58
CA ASP B 57 3.25 -17.26 8.64
C ASP B 57 2.91 -17.83 10.01
N ILE B 58 2.16 -18.92 10.04
CA ILE B 58 1.83 -19.60 11.28
C ILE B 58 2.30 -21.03 11.16
N THR B 59 3.06 -21.49 12.14
CA THR B 59 3.54 -22.86 12.07
C THR B 59 2.81 -23.81 13.02
N GLY B 60 1.98 -23.27 13.89
CA GLY B 60 1.31 -24.10 14.88
C GLY B 60 -0.03 -24.58 14.42
N THR B 61 -0.72 -25.27 15.30
CA THR B 61 -2.07 -25.74 15.01
C THR B 61 -2.97 -24.53 14.83
N LEU B 62 -3.69 -24.50 13.72
CA LEU B 62 -4.54 -23.37 13.41
C LEU B 62 -5.80 -23.40 14.27
N SER B 63 -6.28 -22.22 14.64
CA SER B 63 -7.54 -22.08 15.36
C SER B 63 -8.70 -22.65 14.55
N ASN B 64 -8.69 -22.38 13.25
CA ASN B 64 -9.69 -22.95 12.35
C ASN B 64 -9.01 -23.42 11.08
N PRO B 65 -8.67 -24.71 11.00
CA PRO B 65 -7.91 -25.19 9.84
C PRO B 65 -8.77 -25.40 8.60
N GLU B 66 -10.08 -25.15 8.68
CA GLU B 66 -10.96 -25.32 7.52
C GLU B 66 -11.23 -23.99 6.80
N VAL B 67 -11.16 -22.89 7.53
CA VAL B 67 -11.39 -21.58 6.93
C VAL B 67 -10.34 -20.64 7.49
N PHE B 68 -9.42 -20.23 6.63
CA PHE B 68 -8.22 -19.49 7.06
C PHE B 68 -8.47 -18.00 7.12
N ASN B 69 -8.33 -17.45 8.32
CA ASN B 69 -8.50 -16.04 8.59
C ASN B 69 -7.16 -15.50 9.09
N TYR B 70 -6.47 -14.73 8.24
CA TYR B 70 -5.11 -14.32 8.54
C TYR B 70 -5.01 -13.55 9.85
N GLY B 71 -5.93 -12.61 10.08
CA GLY B 71 -5.89 -11.83 11.29
C GLY B 71 -6.04 -12.68 12.55
N VAL B 72 -7.04 -13.55 12.54
CA VAL B 72 -7.27 -14.41 13.69
C VAL B 72 -6.09 -15.33 13.95
N GLU B 73 -5.55 -15.93 12.90
CA GLU B 73 -4.51 -16.93 13.09
C GLU B 73 -3.20 -16.28 13.52
N THR B 74 -2.89 -15.09 13.00
CA THR B 74 -1.64 -14.46 13.40
C THR B 74 -1.74 -13.91 14.81
N HIS B 75 -2.92 -13.45 15.20
CA HIS B 75 -3.12 -13.00 16.57
C HIS B 75 -2.88 -14.17 17.53
N GLU B 76 -3.49 -15.32 17.27
CA GLU B 76 -3.30 -16.48 18.13
C GLU B 76 -1.87 -16.98 18.08
N ALA B 77 -1.26 -16.98 16.90
CA ALA B 77 0.13 -17.42 16.76
C ALA B 77 1.09 -16.51 17.51
N TYR B 78 0.83 -15.21 17.52
CA TYR B 78 1.65 -14.29 18.30
C TYR B 78 1.60 -14.69 19.77
N LYS B 79 0.39 -14.91 20.29
CA LYS B 79 0.21 -15.28 21.71
C LYS B 79 0.87 -16.61 22.05
N GLN B 80 0.80 -17.57 21.14
CA GLN B 80 1.33 -18.91 21.37
C GLN B 80 2.81 -19.04 21.01
N ARG B 81 3.33 -18.05 20.31
CA ARG B 81 4.70 -18.06 19.76
C ARG B 81 4.89 -19.08 18.65
N SER B 82 4.00 -19.06 17.67
CA SER B 82 4.13 -19.95 16.53
C SER B 82 4.11 -19.15 15.23
N LEU B 83 4.44 -17.86 15.30
CA LEU B 83 4.64 -17.09 14.08
C LEU B 83 5.94 -17.51 13.38
N ALA B 84 5.99 -17.34 12.07
CA ALA B 84 7.24 -17.53 11.34
C ALA B 84 8.33 -16.63 11.94
N SER B 85 9.55 -17.13 11.96
CA SER B 85 10.62 -16.43 12.65
C SER B 85 11.02 -15.11 11.99
N ASP B 86 10.79 -14.96 10.69
CA ASP B 86 11.11 -13.68 10.05
C ASP B 86 10.28 -12.55 10.62
N ILE B 87 9.03 -12.87 10.97
CA ILE B 87 8.15 -11.89 11.60
C ILE B 87 8.65 -11.54 13.00
N THR B 88 8.91 -12.55 13.82
CA THR B 88 9.35 -12.25 15.18
C THR B 88 10.72 -11.57 15.20
N ASP B 89 11.58 -11.85 14.22
CA ASP B 89 12.86 -11.14 14.12
C ASP B 89 12.62 -9.63 13.97
N GLU B 90 11.66 -9.26 13.12
CA GLU B 90 11.35 -7.84 12.96
C GLU B 90 10.68 -7.26 14.19
N GLN B 91 9.80 -8.04 14.82
CA GLN B 91 9.15 -7.55 16.04
C GLN B 91 10.17 -7.25 17.14
N LYS B 92 11.21 -8.08 17.25
CA LYS B 92 12.24 -7.82 18.26
C LYS B 92 12.89 -6.45 18.01
N LYS B 93 13.19 -6.18 16.73
CA LYS B 93 13.82 -4.91 16.38
C LYS B 93 12.91 -3.74 16.70
N VAL B 94 11.62 -3.89 16.43
CA VAL B 94 10.68 -2.83 16.73
C VAL B 94 10.54 -2.64 18.24
N ARG B 95 10.40 -3.74 18.96
CA ARG B 95 10.26 -3.70 20.41
C ARG B 95 11.39 -2.94 21.09
N GLU B 96 12.61 -3.13 20.57
CA GLU B 96 13.78 -2.50 21.16
C GLU B 96 13.96 -1.04 20.74
N ALA B 97 13.35 -0.63 19.65
CA ALA B 97 13.59 0.70 19.09
C ALA B 97 12.81 1.77 19.81
N ASP B 98 13.46 2.92 19.97
CA ASP B 98 12.79 4.16 20.39
C ASP B 98 12.22 4.95 19.23
N LEU B 99 12.86 4.78 18.07
CA LEU B 99 12.47 5.49 16.85
C LEU B 99 12.58 4.51 15.70
N VAL B 100 11.54 4.47 14.87
CA VAL B 100 11.52 3.70 13.64
C VAL B 100 11.43 4.67 12.47
N ILE B 101 12.46 4.65 11.63
CA ILE B 101 12.47 5.44 10.41
C ILE B 101 12.21 4.49 9.26
N PHE B 102 11.27 4.87 8.40
CA PHE B 102 11.00 4.16 7.16
C PHE B 102 11.58 4.96 6.02
N GLN B 103 12.48 4.35 5.24
CA GLN B 103 13.16 5.02 4.15
C GLN B 103 12.74 4.33 2.84
N PHE B 104 12.03 5.05 1.98
CA PHE B 104 11.49 4.43 0.76
C PHE B 104 11.14 5.43 -0.32
N PRO B 105 11.20 4.99 -1.58
CA PRO B 105 10.60 5.76 -2.67
C PRO B 105 9.09 5.57 -2.68
N LEU B 106 8.36 6.64 -2.95
CA LEU B 106 6.92 6.59 -3.10
C LEU B 106 6.57 5.72 -4.31
N TYR B 107 5.76 4.68 -4.07
CA TYR B 107 5.25 3.80 -5.13
C TYR B 107 3.73 3.90 -5.06
N TRP B 108 3.11 4.43 -6.11
CA TRP B 108 1.66 4.56 -6.17
C TRP B 108 1.06 5.21 -4.91
N PHE B 109 1.62 6.38 -4.56
CA PHE B 109 1.12 7.18 -3.44
C PHE B 109 1.21 6.41 -2.13
N SER B 110 2.14 5.45 -2.06
CA SER B 110 2.24 4.57 -0.90
C SER B 110 3.66 4.00 -0.81
N VAL B 111 3.81 2.97 0.02
CA VAL B 111 5.07 2.27 0.16
C VAL B 111 5.22 1.18 -0.91
N PRO B 112 6.47 0.88 -1.32
CA PRO B 112 6.69 -0.30 -2.15
C PRO B 112 6.09 -1.54 -1.51
N ALA B 113 5.60 -2.46 -2.34
CA ALA B 113 4.95 -3.66 -1.81
C ALA B 113 5.78 -4.43 -0.78
N ILE B 114 7.09 -4.47 -0.94
CA ILE B 114 7.89 -5.23 0.00
C ILE B 114 7.77 -4.64 1.41
N LEU B 115 7.72 -3.32 1.48
CA LEU B 115 7.52 -2.59 2.75
C LEU B 115 6.05 -2.68 3.23
N LYS B 116 5.11 -2.64 2.29
CA LYS B 116 3.72 -2.88 2.69
C LYS B 116 3.60 -4.25 3.37
N GLY B 117 4.32 -5.23 2.86
CA GLY B 117 4.27 -6.56 3.44
C GLY B 117 4.87 -6.64 4.83
N TRP B 118 5.91 -5.85 5.05
CA TRP B 118 6.47 -5.71 6.39
C TRP B 118 5.39 -5.17 7.33
N MET B 119 4.68 -4.13 6.93
N MET B 119 4.69 -4.12 6.92
CA MET B 119 3.62 -3.61 7.77
CA MET B 119 3.60 -3.58 7.73
C MET B 119 2.53 -4.65 8.01
C MET B 119 2.57 -4.67 8.01
N ASP B 120 2.11 -5.32 6.95
CA ASP B 120 1.03 -6.28 7.04
C ASP B 120 1.37 -7.43 7.99
N ARG B 121 2.61 -7.95 7.87
CA ARG B 121 2.99 -9.17 8.56
C ARG B 121 3.58 -8.92 9.95
N VAL B 122 4.29 -7.82 10.13
CA VAL B 122 4.99 -7.58 11.39
C VAL B 122 4.05 -7.00 12.44
N LEU B 123 3.15 -6.12 12.02
CA LEU B 123 2.35 -5.35 12.97
C LEU B 123 1.04 -6.08 13.28
N CYS B 124 1.16 -7.27 13.83
CA CYS B 124 -0.01 -8.09 14.10
C CYS B 124 -0.69 -7.75 15.41
N GLN B 125 -1.93 -8.21 15.55
CA GLN B 125 -2.67 -8.01 16.77
C GLN B 125 -1.95 -8.76 17.88
N GLY B 126 -1.96 -8.15 19.07
CA GLY B 126 -1.20 -8.68 20.18
C GLY B 126 0.17 -8.06 20.28
N PHE B 127 0.81 -7.80 19.14
CA PHE B 127 2.12 -7.17 19.13
C PHE B 127 2.00 -5.65 19.03
N ALA B 128 1.33 -5.17 17.98
CA ALA B 128 1.28 -3.75 17.68
C ALA B 128 0.04 -3.03 18.20
N PHE B 129 -1.05 -3.76 18.34
CA PHE B 129 -2.32 -3.22 18.82
C PHE B 129 -3.14 -4.35 19.43
N ASP B 130 -4.14 -4.02 20.21
CA ASP B 130 -5.09 -4.98 20.78
C ASP B 130 -6.46 -4.33 20.64
N ILE B 131 -7.50 -5.09 20.96
CA ILE B 131 -8.85 -4.56 21.05
C ILE B 131 -9.36 -4.75 22.47
N PRO B 132 -9.41 -3.67 23.28
CA PRO B 132 -8.95 -2.33 22.94
C PRO B 132 -7.43 -2.23 23.01
N GLY B 133 -6.90 -1.09 22.61
CA GLY B 133 -5.47 -0.84 22.64
C GLY B 133 -5.00 -0.46 21.24
N PHE B 134 -5.51 0.66 20.73
CA PHE B 134 -5.14 1.14 19.40
C PHE B 134 -5.26 2.66 19.39
N TYR B 135 -4.78 3.27 18.31
CA TYR B 135 -4.56 4.73 18.23
C TYR B 135 -3.77 5.13 19.47
N ASP B 136 -4.21 6.11 20.26
CA ASP B 136 -3.39 6.58 21.35
C ASP B 136 -3.04 5.49 22.36
N SER B 137 -3.84 4.42 22.43
CA SER B 137 -3.58 3.32 23.34
CA SER B 137 -3.52 3.33 23.35
C SER B 137 -2.96 2.10 22.64
N GLY B 138 -2.45 2.29 21.42
CA GLY B 138 -1.78 1.22 20.71
C GLY B 138 -0.58 0.71 21.49
N LEU B 139 -0.15 -0.51 21.17
CA LEU B 139 0.87 -1.18 21.99
C LEU B 139 2.27 -0.69 21.77
N LEU B 140 2.48 0.07 20.70
CA LEU B 140 3.80 0.65 20.44
C LEU B 140 3.87 2.11 20.95
N GLN B 141 2.95 2.46 21.85
CA GLN B 141 3.00 3.77 22.47
C GLN B 141 4.35 3.99 23.15
N GLY B 142 4.81 5.22 23.14
CA GLY B 142 6.11 5.56 23.69
C GLY B 142 7.20 5.59 22.63
N LYS B 143 6.91 5.00 21.47
CA LYS B 143 7.85 4.98 20.36
C LYS B 143 7.52 6.09 19.37
N LEU B 144 8.54 6.50 18.64
CA LEU B 144 8.40 7.46 17.56
C LEU B 144 8.57 6.77 16.21
N ALA B 145 7.88 7.28 15.20
CA ALA B 145 8.06 6.81 13.84
C ALA B 145 8.19 8.00 12.89
N LEU B 146 8.86 7.80 11.77
CA LEU B 146 9.12 8.87 10.83
C LEU B 146 9.19 8.28 9.42
N LEU B 147 8.42 8.87 8.50
CA LEU B 147 8.50 8.45 7.10
C LEU B 147 9.48 9.37 6.37
N SER B 148 10.52 8.77 5.81
CA SER B 148 11.44 9.49 4.94
C SER B 148 11.22 8.97 3.51
N VAL B 149 10.54 9.80 2.72
CA VAL B 149 10.01 9.41 1.42
C VAL B 149 10.69 10.22 0.31
N THR B 150 10.94 9.59 -0.83
CA THR B 150 11.38 10.29 -2.02
C THR B 150 10.29 10.17 -3.10
N THR B 151 10.21 11.13 -4.00
CA THR B 151 9.16 11.11 -5.01
C THR B 151 9.68 11.35 -6.41
N GLY B 152 8.90 10.94 -7.40
CA GLY B 152 9.15 11.36 -8.77
C GLY B 152 8.61 12.76 -9.01
N GLY B 153 7.42 13.04 -8.49
CA GLY B 153 6.77 14.31 -8.68
C GLY B 153 7.43 15.43 -7.87
N THR B 154 7.27 16.65 -8.35
CA THR B 154 7.86 17.80 -7.68
C THR B 154 7.02 18.27 -6.50
N ALA B 155 7.60 19.13 -5.67
CA ALA B 155 6.87 19.69 -4.55
C ALA B 155 5.61 20.40 -5.03
N GLU B 156 5.74 21.15 -6.13
CA GLU B 156 4.62 21.91 -6.67
C GLU B 156 3.47 21.00 -7.10
N MET B 157 3.81 19.84 -7.65
CA MET B 157 2.77 18.89 -8.05
C MET B 157 2.01 18.35 -6.85
N TYR B 158 2.71 18.24 -5.72
CA TYR B 158 2.13 17.78 -4.48
C TYR B 158 1.68 18.92 -3.57
N THR B 159 0.89 19.83 -4.15
CA THR B 159 0.21 20.86 -3.37
C THR B 159 -1.29 20.73 -3.61
N LYS B 160 -2.07 21.40 -2.77
CA LYS B 160 -3.52 21.30 -2.84
C LYS B 160 -4.05 21.55 -4.25
N THR B 161 -3.49 22.53 -4.93
CA THR B 161 -3.97 22.89 -6.27
C THR B 161 -3.18 22.20 -7.38
N GLY B 162 -2.19 21.40 -7.01
CA GLY B 162 -1.40 20.64 -7.97
C GLY B 162 -2.10 19.36 -8.36
N VAL B 163 -1.62 18.71 -9.42
CA VAL B 163 -2.33 17.57 -10.00
C VAL B 163 -2.40 16.40 -9.04
N ASN B 164 -1.41 16.28 -8.15
CA ASN B 164 -1.35 15.16 -7.25
C ASN B 164 -2.03 15.42 -5.92
N GLY B 165 -2.45 16.67 -5.69
CA GLY B 165 -2.96 17.05 -4.39
C GLY B 165 -1.82 17.21 -3.39
N ASP B 166 -2.15 17.67 -2.21
CA ASP B 166 -1.12 17.96 -1.23
C ASP B 166 -0.42 16.69 -0.80
N SER B 167 0.87 16.81 -0.51
CA SER B 167 1.67 15.65 -0.09
C SER B 167 1.08 15.00 1.16
N ARG B 168 0.51 15.78 2.06
CA ARG B 168 -0.01 15.20 3.28
C ARG B 168 -1.19 14.23 3.02
N TYR B 169 -1.91 14.43 1.92
CA TYR B 169 -3.04 13.57 1.62
C TYR B 169 -2.63 12.09 1.55
N PHE B 170 -1.52 11.80 0.86
CA PHE B 170 -1.12 10.40 0.71
C PHE B 170 -0.46 9.83 1.95
N LEU B 171 -0.11 10.69 2.90
CA LEU B 171 0.47 10.21 4.16
C LEU B 171 -0.55 9.54 5.08
N TRP B 172 -1.83 9.82 4.87
CA TRP B 172 -2.88 9.41 5.81
C TRP B 172 -2.90 7.90 6.14
N PRO B 173 -2.90 7.03 5.10
CA PRO B 173 -2.98 5.59 5.43
C PRO B 173 -1.75 5.11 6.21
N LEU B 174 -0.61 5.75 5.98
CA LEU B 174 0.64 5.34 6.59
C LEU B 174 0.79 5.90 7.99
N GLN B 175 0.69 7.23 8.11
CA GLN B 175 0.87 7.89 9.40
C GLN B 175 -0.28 7.60 10.33
N HIS B 176 -1.51 7.75 9.85
CA HIS B 176 -2.65 7.58 10.73
C HIS B 176 -3.17 6.14 10.80
N GLY B 177 -3.45 5.57 9.64
CA GLY B 177 -4.08 4.27 9.57
C GLY B 177 -3.18 3.16 10.08
N THR B 178 -1.87 3.39 10.01
CA THR B 178 -0.90 2.35 10.39
C THR B 178 -0.14 2.75 11.65
N LEU B 179 0.69 3.79 11.55
CA LEU B 179 1.58 4.12 12.66
C LEU B 179 0.84 4.58 13.91
N HIS B 180 -0.02 5.57 13.76
CA HIS B 180 -0.80 6.07 14.88
C HIS B 180 -1.69 4.94 15.41
N PHE B 181 -2.29 4.15 14.52
CA PHE B 181 -3.14 3.06 14.99
C PHE B 181 -2.39 2.16 15.97
N CYS B 182 -1.11 1.95 15.72
CA CYS B 182 -0.29 1.07 16.57
C CYS B 182 0.28 1.79 17.81
N GLY B 183 -0.07 3.06 17.98
CA GLY B 183 0.35 3.83 19.13
C GLY B 183 1.58 4.68 18.94
N PHE B 184 2.23 4.63 17.78
CA PHE B 184 3.38 5.50 17.56
C PHE B 184 2.98 6.95 17.64
N LYS B 185 3.88 7.77 18.15
CA LYS B 185 3.84 9.19 17.88
C LYS B 185 4.63 9.39 16.59
N VAL B 186 4.12 10.25 15.73
CA VAL B 186 4.63 10.38 14.39
C VAL B 186 5.39 11.70 14.26
N LEU B 187 6.69 11.62 13.98
CA LEU B 187 7.46 12.82 13.68
C LEU B 187 7.11 13.31 12.27
N ALA B 188 7.36 14.58 12.01
CA ALA B 188 7.04 15.14 10.70
C ALA B 188 7.76 14.36 9.60
N PRO B 189 7.09 14.15 8.47
CA PRO B 189 7.74 13.38 7.39
C PRO B 189 8.93 14.13 6.80
N GLN B 190 9.89 13.37 6.28
CA GLN B 190 10.93 13.94 5.46
C GLN B 190 10.60 13.57 4.05
N ILE B 191 10.26 14.56 3.24
CA ILE B 191 9.96 14.27 1.83
C ILE B 191 11.01 14.94 0.96
N SER B 192 11.75 14.11 0.24
CA SER B 192 12.78 14.59 -0.67
C SER B 192 12.20 14.49 -2.06
N PHE B 193 11.77 15.65 -2.58
CA PHE B 193 11.02 15.67 -3.82
C PHE B 193 11.90 15.56 -5.05
N ALA B 194 11.50 14.69 -5.96
CA ALA B 194 12.01 14.66 -7.33
C ALA B 194 13.52 14.72 -7.46
N PRO B 195 14.24 13.79 -6.81
CA PRO B 195 15.70 13.82 -6.94
C PRO B 195 16.18 13.57 -8.36
N GLU B 196 15.39 12.85 -9.16
CA GLU B 196 15.80 12.55 -10.53
C GLU B 196 15.87 13.85 -11.35
N ILE B 197 14.98 14.78 -11.07
CA ILE B 197 14.89 16.06 -11.80
C ILE B 197 15.90 17.06 -11.26
N ALA B 198 16.18 16.95 -9.97
CA ALA B 198 17.06 17.88 -9.26
C ALA B 198 18.46 17.86 -9.86
N SER B 199 19.17 18.97 -9.75
CA SER B 199 20.59 18.99 -10.09
C SER B 199 21.39 18.25 -9.02
N GLU B 200 22.65 17.96 -9.33
CA GLU B 200 23.51 17.26 -8.38
C GLU B 200 23.67 18.08 -7.10
N GLU B 201 23.79 19.40 -7.23
CA GLU B 201 23.89 20.27 -6.08
C GLU B 201 22.62 20.22 -5.24
N GLU B 202 21.46 20.19 -5.90
CA GLU B 202 20.19 20.12 -5.19
C GLU B 202 20.03 18.77 -4.48
N ARG B 203 20.49 17.71 -5.13
CA ARG B 203 20.44 16.39 -4.51
C ARG B 203 21.34 16.34 -3.28
N LYS B 204 22.56 16.86 -3.41
CA LYS B 204 23.47 16.90 -2.26
C LYS B 204 22.84 17.70 -1.14
N GLY B 205 22.14 18.77 -1.50
CA GLY B 205 21.44 19.60 -0.56
C GLY B 205 20.35 18.87 0.19
N MET B 206 19.59 18.04 -0.51
CA MET B 206 18.54 17.27 0.12
C MET B 206 19.11 16.24 1.08
N VAL B 207 20.23 15.62 0.71
CA VAL B 207 20.87 14.65 1.61
C VAL B 207 21.41 15.35 2.86
N ALA B 208 22.08 16.48 2.65
CA ALA B 208 22.60 17.26 3.78
C ALA B 208 21.49 17.77 4.71
N ALA B 209 20.34 18.14 4.14
CA ALA B 209 19.20 18.64 4.92
C ALA B 209 18.69 17.54 5.87
N TRP B 210 18.63 16.32 5.37
CA TRP B 210 18.22 15.18 6.19
C TRP B 210 19.25 14.94 7.30
N SER B 211 20.53 14.92 6.97
CA SER B 211 21.56 14.73 7.97
C SER B 211 21.46 15.83 9.03
N GLN B 212 21.31 17.07 8.60
CA GLN B 212 21.20 18.19 9.52
C GLN B 212 19.98 18.04 10.44
N ARG B 213 18.84 17.66 9.86
CA ARG B 213 17.64 17.47 10.66
C ARG B 213 17.90 16.39 11.71
N LEU B 214 18.58 15.31 11.33
CA LEU B 214 18.83 14.23 12.29
C LEU B 214 19.65 14.66 13.50
N GLN B 215 20.48 15.68 13.33
CA GLN B 215 21.29 16.18 14.45
C GLN B 215 20.41 16.54 15.65
N THR B 216 19.22 17.06 15.37
CA THR B 216 18.32 17.50 16.43
C THR B 216 17.00 16.72 16.51
N ILE B 217 16.99 15.50 15.96
CA ILE B 217 15.75 14.73 15.86
C ILE B 217 15.16 14.45 17.24
N TRP B 218 15.99 14.27 18.25
CA TRP B 218 15.50 13.90 19.58
C TRP B 218 14.85 15.06 20.33
N LYS B 219 14.97 16.27 19.78
CA LYS B 219 14.33 17.44 20.37
C LYS B 219 12.98 17.75 19.72
N GLU B 220 12.63 17.06 18.65
CA GLU B 220 11.39 17.32 17.95
C GLU B 220 10.18 16.83 18.73
N GLU B 221 9.05 17.52 18.52
CA GLU B 221 7.75 17.04 18.93
C GLU B 221 7.07 16.34 17.76
N PRO B 222 6.21 15.37 18.06
CA PRO B 222 5.45 14.72 16.99
C PRO B 222 4.39 15.64 16.45
N ILE B 223 3.90 15.31 15.26
CA ILE B 223 2.75 16.01 14.69
C ILE B 223 1.48 15.58 15.40
N PRO B 224 0.44 16.42 15.29
CA PRO B 224 -0.87 15.97 15.72
C PRO B 224 -1.43 15.15 14.58
N CYS B 225 -1.45 13.83 14.75
CA CYS B 225 -1.79 12.93 13.64
C CYS B 225 -3.31 12.81 13.50
N THR B 226 -3.89 13.85 12.95
CA THR B 226 -5.34 13.99 12.88
C THR B 226 -5.76 14.28 11.45
N ALA B 227 -7.06 14.17 11.19
CA ALA B 227 -7.59 14.56 9.89
C ALA B 227 -7.29 16.01 9.58
N HIS B 228 -7.41 16.91 10.56
CA HIS B 228 -7.11 18.31 10.31
C HIS B 228 -5.66 18.49 9.83
N TRP B 229 -4.70 17.82 10.46
CA TRP B 229 -3.32 17.99 10.04
C TRP B 229 -3.14 17.57 8.57
N HIS B 230 -3.77 16.45 8.20
CA HIS B 230 -3.60 15.90 6.86
C HIS B 230 -4.37 16.62 5.77
N PHE B 231 -5.57 17.11 6.09
CA PHE B 231 -6.52 17.59 5.07
C PHE B 231 -6.93 19.05 5.23
N GLY B 232 -6.69 19.64 6.39
CA GLY B 232 -7.07 21.03 6.61
C GLY B 232 -8.52 21.15 7.00
N GLN B 233 -9.01 22.39 6.98
CA GLN B 233 -10.36 22.68 7.45
C GLN B 233 -11.40 22.34 6.40
ZN ZN C . -8.68 11.29 -9.47
PA FAD D . -14.32 -13.21 6.47
O1A FAD D . -13.84 -14.28 5.43
O2A FAD D . -13.80 -13.50 7.91
O5B FAD D . -15.87 -13.20 6.41
C5B FAD D . -16.72 -12.83 7.45
C4B FAD D . -17.90 -13.73 7.56
O4B FAD D . -18.72 -13.70 6.36
C3B FAD D . -17.45 -15.15 7.74
O3B FAD D . -18.14 -15.76 8.75
C2B FAD D . -17.79 -15.75 6.49
O2B FAD D . -18.05 -17.12 6.64
C1B FAD D . -19.02 -15.01 6.07
N9A FAD D . -19.36 -15.22 4.66
C8A FAD D . -18.58 -15.59 3.62
N7A FAD D . -19.35 -15.65 2.52
C5A FAD D . -20.62 -15.32 2.89
C6A FAD D . -21.82 -15.21 2.21
N6A FAD D . -21.87 -15.47 0.82
N1A FAD D . -22.93 -14.85 2.88
C2A FAD D . -22.90 -14.60 4.20
N3A FAD D . -21.74 -14.69 4.90
C4A FAD D . -20.62 -15.05 4.24
N1 FAD D . -9.67 -3.48 8.80
C2 FAD D . -9.89 -2.07 8.73
O2 FAD D . -11.04 -1.59 8.88
N3 FAD D . -8.82 -1.20 8.48
C4 FAD D . -7.54 -1.69 8.30
O4 FAD D . -6.65 -0.91 8.05
C4X FAD D . -7.29 -3.13 8.41
N5 FAD D . -6.03 -3.62 8.23
C5X FAD D . -5.85 -4.94 8.32
C6 FAD D . -4.54 -5.46 8.13
C7 FAD D . -4.32 -6.82 8.19
C7M FAD D . -2.90 -7.35 8.00
C8 FAD D . -5.37 -7.69 8.42
C8M FAD D . -5.15 -9.16 8.50
C9 FAD D . -6.66 -7.19 8.59
C9A FAD D . -6.89 -5.82 8.52
N10 FAD D . -8.14 -5.33 8.69
C10 FAD D . -8.36 -4.00 8.63
C1' FAD D . -9.33 -6.25 8.86
C2' FAD D . -9.80 -6.73 7.45
O2' FAD D . -10.04 -5.69 6.51
C3' FAD D . -11.03 -7.61 7.56
O3' FAD D . -10.67 -8.66 8.41
C4' FAD D . -11.54 -8.13 6.23
O4' FAD D . -12.00 -7.11 5.46
C5' FAD D . -12.66 -9.11 6.44
O5' FAD D . -13.03 -9.66 5.19
P FAD D . -12.90 -11.22 5.00
O1P FAD D . -11.50 -11.76 5.43
O2P FAD D . -13.30 -11.61 3.57
O3P FAD D . -13.99 -11.72 6.01
H51A FAD D . -17.03 -11.90 7.30
H52A FAD D . -16.22 -12.85 8.29
H4B FAD D . -18.44 -13.48 8.31
H3B FAD D . -16.48 -15.21 7.90
HO3A FAD D . -17.72 -16.52 8.98
H2B FAD D . -17.09 -15.59 5.86
HO2A FAD D . -17.31 -17.53 6.99
H1B FAD D . -19.75 -15.35 6.62
H8A FAD D . -17.62 -15.78 3.66
H61A FAD D . -21.13 -15.79 0.39
H62A FAD D . -22.63 -15.34 0.35
H2A FAD D . -23.72 -14.33 4.66
HN3 FAD D . -9.07 -0.37 8.45
H6 FAD D . -3.81 -4.84 7.96
HM71 FAD D . -2.61 -7.81 8.81
HM72 FAD D . -2.30 -6.61 7.82
HM73 FAD D . -2.88 -7.98 7.24
HM81 FAD D . -6.02 -9.63 8.50
HM82 FAD D . -4.68 -9.38 9.32
HM83 FAD D . -4.62 -9.46 7.72
H9 FAD D . -7.36 -7.79 8.75
H1'1 FAD D . -10.05 -5.78 9.31
H1'2 FAD D . -9.07 -7.02 9.39
H2' FAD D . -9.11 -7.30 7.08
HO2' FAD D . -9.30 -5.16 6.46
H3' FAD D . -11.75 -7.10 7.95
HO3' FAD D . -10.89 -8.45 9.24
H4' FAD D . -10.83 -8.56 5.75
HO4' FAD D . -11.79 -7.27 4.62
H5'1 FAD D . -13.42 -8.65 6.83
H5'2 FAD D . -12.37 -9.82 7.04
C1 1PQ E . -5.93 -6.28 11.40
C1 1PQ E . -7.62 0.28 11.54
O1 1PQ E . -5.32 -5.03 11.51
O1 1PQ E . -8.47 -0.82 11.75
C2 1PQ E . -6.14 -3.90 11.61
C2 1PQ E . -7.92 -2.10 11.77
C3 1PQ E . -7.45 -4.08 12.06
C3 1PQ E . -8.71 -3.19 12.06
C4 1PQ E . -8.29 -2.98 12.17
C4 1PQ E . -8.19 -4.48 12.09
N1 1PQ E . -9.68 -3.04 12.63
N1 1PQ E . -8.96 -5.70 12.38
C5 1PQ E . -10.36 -4.21 13.17
C5 1PQ E . -10.18 -5.77 13.19
C6 1PQ E . -9.61 -4.86 14.30
C6 1PQ E . -11.21 -4.75 12.78
C7 1PQ E . -11.67 -3.70 13.69
C7 1PQ E . -10.78 -7.17 13.16
C8 1PQ E . -11.62 -2.20 13.57
C8 1PQ E . -11.68 -7.36 11.97
C9 1PQ E . -12.33 -1.50 14.69
C9 1PQ E . -13.13 -7.25 12.39
N2 1PQ E . -11.37 -0.96 15.64
N2 1PQ E . -13.43 -8.12 13.50
C10 1PQ E . -7.81 -1.70 11.83
C10 1PQ E . -6.81 -4.65 11.82
N3 1PQ E . -8.60 -0.61 11.94
N3 1PQ E . -6.25 -5.87 11.84
C11 1PQ E . -8.18 0.62 11.62
C11 1PQ E . -4.94 -6.05 11.60
C12 1PQ E . -6.88 0.83 11.19
C12 1PQ E . -4.10 -5.00 11.30
C13 1PQ E . -6.02 -0.25 11.05
C13 1PQ E . -4.62 -3.71 11.27
C14 1PQ E . -6.48 -1.54 11.39
C14 1PQ E . -6.00 -3.53 11.53
C15 1PQ E . -5.65 -2.66 11.27
C15 1PQ E . -6.57 -2.24 11.51
C1 1PQ F . 4.23 4.43 -11.66
C1 1PQ F . 1.98 9.96 -9.68
O1 1PQ F . 5.08 5.53 -11.48
O1 1PQ F . 3.16 10.14 -10.39
C2 1PQ F . 4.55 6.76 -11.11
C2 1PQ F . 3.94 9.04 -10.73
C3 1PQ F . 5.33 7.90 -11.29
C3 1PQ F . 5.25 9.25 -11.16
C4 1PQ F . 4.84 9.15 -10.93
C4 1PQ F . 6.05 8.16 -11.50
N1 1PQ F . 5.62 10.37 -11.11
N1 1PQ F . 7.45 8.29 -11.96
C5 1PQ F . 6.68 10.55 -12.09
C5 1PQ F . 8.25 9.50 -11.84
C6 1PQ F . 7.18 11.96 -12.00
C6 1PQ F . 9.52 9.37 -12.64
C7 1PQ F . 7.82 9.59 -11.92
C7 1PQ F . 7.49 10.72 -12.28
C8 1PQ F . 9.11 10.34 -12.12
C8 1PQ F . 6.63 10.37 -13.46
C9 1PQ F . 10.28 9.54 -11.60
C9 1PQ F . 7.48 10.28 -14.70
N2 1PQ F . 10.93 8.86 -12.70
N2 1PQ F . 6.96 9.23 -15.54
C10 1PQ F . 3.54 9.25 -10.37
C10 1PQ F . 5.54 6.86 -11.42
N3 1PQ F . 3.03 10.46 -10.00
N3 1PQ F . 6.31 5.81 -11.75
C11 1PQ F . 1.80 10.57 -9.47
C11 1PQ F . 5.84 4.55 -11.69
C12 1PQ F . 1.01 9.46 -9.27
C12 1PQ F . 4.56 4.29 -11.28
C13 1PQ F . 1.46 8.20 -9.62
C13 1PQ F . 3.71 5.33 -10.92
C14 1PQ F . 2.76 8.08 -10.19
C14 1PQ F . 4.21 6.66 -11.00
C15 1PQ F . 3.27 6.84 -10.56
C15 1PQ F . 3.41 7.76 -10.64
C1 GOL G . -0.80 23.56 4.53
O1 GOL G . -1.18 24.26 3.38
C2 GOL G . 0.43 22.73 4.21
O2 GOL G . 1.19 22.61 5.40
C3 GOL G . -0.01 21.36 3.75
O3 GOL G . 1.10 20.60 3.34
ZN ZN H . -3.36 9.91 13.40
PA FAD I . 17.62 7.72 -7.79
O1A FAD I . 18.47 6.59 -7.17
O2A FAD I . 17.34 7.46 -9.29
O5B FAD I . 18.35 9.08 -7.55
C5B FAD I . 18.50 10.06 -8.51
C4B FAD I . 19.91 10.48 -8.64
O4B FAD I . 20.45 10.78 -7.35
C3B FAD I . 20.77 9.39 -9.21
O3B FAD I . 21.45 9.88 -10.30
C2B FAD I . 21.70 9.08 -8.17
O2B FAD I . 22.94 8.70 -8.71
C1B FAD I . 21.76 10.35 -7.39
N9A FAD I . 22.33 10.25 -6.04
C8A FAD I . 22.36 9.19 -5.21
N7A FAD I . 22.97 9.53 -4.07
C5A FAD I . 23.32 10.84 -4.19
C6A FAD I . 23.97 11.74 -3.33
N6A FAD I . 24.40 11.33 -2.05
N1A FAD I . 24.17 13.00 -3.75
C2A FAD I . 23.77 13.40 -4.96
N3A FAD I . 23.13 12.57 -5.82
C4A FAD I . 22.91 11.29 -5.44
N1 FAD I . 6.63 8.99 -7.88
C2 FAD I . 5.57 9.82 -7.38
O2 FAD I . 5.78 11.04 -7.25
N3 FAD I . 4.31 9.26 -7.09
C4 FAD I . 4.08 7.88 -7.22
O4 FAD I . 2.98 7.44 -6.90
C4X FAD I . 5.15 7.03 -7.76
N5 FAD I . 4.96 5.71 -7.94
C5X FAD I . 5.96 4.95 -8.40
C6 FAD I . 5.73 3.58 -8.59
C7 FAD I . 6.73 2.76 -9.06
C7M FAD I . 6.50 1.28 -9.24
C8 FAD I . 7.98 3.33 -9.33
C8M FAD I . 9.09 2.48 -9.87
C9 FAD I . 8.19 4.68 -9.16
C9A FAD I . 7.18 5.51 -8.70
N10 FAD I . 7.39 6.83 -8.53
C10 FAD I . 6.40 7.60 -8.06
C1' FAD I . 8.72 7.50 -8.76
C2' FAD I . 9.65 7.24 -7.57
O2' FAD I . 9.05 7.61 -6.34
C3' FAD I . 11.03 7.87 -7.74
O3' FAD I . 11.57 7.26 -8.86
C4' FAD I . 11.91 7.64 -6.54
O4' FAD I . 11.41 8.29 -5.46
C5' FAD I . 13.32 8.16 -6.78
O5' FAD I . 14.20 7.87 -5.71
P FAD I . 15.45 6.96 -6.05
O1P FAD I . 15.02 5.68 -6.80
O2P FAD I . 16.24 6.72 -4.76
O3P FAD I . 16.25 7.93 -7.00
H51A FAD I . 17.95 10.85 -8.25
H52A FAD I . 18.18 9.72 -9.38
H4B FAD I . 19.99 11.25 -9.21
H3B FAD I . 20.24 8.61 -9.47
HO3A FAD I . 22.33 9.77 -10.17
H2B FAD I . 21.32 8.38 -7.61
HO2A FAD I . 22.83 7.95 -9.21
H1B FAD I . 22.31 10.96 -7.92
H8A FAD I . 22.01 8.29 -5.42
H61A FAD I . 24.33 10.46 -1.80
H62A FAD I . 24.75 11.94 -1.46
H2A FAD I . 23.92 14.33 -5.23
HN3 FAD I . 3.76 9.86 -6.78
H6 FAD I . 4.85 3.20 -8.35
HM71 FAD I . 6.62 1.04 -10.18
HM72 FAD I . 5.60 1.06 -8.96
HM73 FAD I . 7.14 0.78 -8.70
HM81 FAD I . 9.93 3.00 -9.86
HM82 FAD I . 8.89 2.22 -10.78
HM83 FAD I . 9.20 1.68 -9.29
H9 FAD I . 9.04 5.05 -9.38
H1'1 FAD I . 8.60 8.45 -8.89
H1'2 FAD I . 9.13 7.11 -9.56
H2' FAD I . 9.81 6.29 -7.52
HO2' FAD I . 9.44 8.37 -6.02
H3' FAD I . 10.94 8.81 -7.87
HO3' FAD I . 11.49 7.80 -9.56
H4' FAD I . 11.95 6.71 -6.32
HO4' FAD I . 11.50 9.16 -5.56
H5'1 FAD I . 13.28 9.13 -6.90
H5'2 FAD I . 13.67 7.76 -7.60
C1 GOL J . 9.15 -18.06 6.52
O1 GOL J . 10.40 -17.45 6.79
C2 GOL J . 8.13 -16.97 6.21
O2 GOL J . 8.68 -16.03 5.31
C3 GOL J . 6.89 -17.61 5.58
O3 GOL J . 7.30 -18.52 4.57
#